data_9Q35
#
_entry.id   9Q35
#
_cell.length_a   90.012
_cell.length_b   39.777
_cell.length_c   65.766
_cell.angle_alpha   90.00
_cell.angle_beta   90.00
_cell.angle_gamma   90.00
#
_symmetry.space_group_name_H-M   'P 21 21 2'
#
loop_
_entity.id
_entity.type
_entity.pdbx_description
1 polymer 'Fibrinogen-like protein 1'
2 non-polymer 1,2-ETHANEDIOL
3 water water
#
_entity_poly.entity_id   1
_entity_poly.type   'polypeptide(L)'
_entity_poly.pdbx_seq_one_letter_code
;MNTVIDLGSKRQYADCSEIFNDGYKLSGFYKIKPLQSPAEFSVYCDMSDGGGWTVIQRRSDGSENFNRGWKDYENGFGNF
VQKHGEYWLGNKNLHFLTTQEDYTLKIDLADFEKNSRYAQYKNFKVGDEKNFYELNIGEYSGTAGDSLAGNFHPEVQWWA
SHQRMKFSTWDRDHDNYEGNCAEEDQSGWWFNRCHSANLNGVYYSGPYTAKTDNGIVWYTWHGWWYSLKSVVMKIRPNDF
IPNVI
;
_entity_poly.pdbx_strand_id   A
#
loop_
_chem_comp.id
_chem_comp.type
_chem_comp.name
_chem_comp.formula
EDO non-polymer 1,2-ETHANEDIOL 'C2 H6 O2'
#
# COMPACT_ATOMS: atom_id res chain seq x y z
N MET A 1 -0.17 -9.81 -25.46
CA MET A 1 -1.08 -9.59 -24.30
C MET A 1 -0.81 -10.64 -23.23
N ASN A 2 -1.25 -10.34 -22.01
CA ASN A 2 -1.24 -11.30 -20.92
C ASN A 2 -2.28 -12.41 -21.14
N THR A 3 -2.17 -13.51 -20.39
CA THR A 3 -3.32 -14.39 -20.25
C THR A 3 -4.42 -13.60 -19.57
N VAL A 4 -5.58 -13.49 -20.23
CA VAL A 4 -6.76 -12.85 -19.69
C VAL A 4 -7.97 -13.76 -19.85
N ILE A 5 -8.81 -13.79 -18.82
CA ILE A 5 -10.05 -14.54 -18.81
C ILE A 5 -11.22 -13.55 -18.85
N ASP A 6 -11.99 -13.66 -19.93
CA ASP A 6 -13.17 -12.83 -20.10
C ASP A 6 -14.37 -13.69 -19.75
N LEU A 7 -15.01 -13.35 -18.63
CA LEU A 7 -16.10 -14.18 -18.14
C LEU A 7 -17.33 -14.09 -19.03
N GLY A 8 -17.44 -13.07 -19.88
CA GLY A 8 -18.58 -12.97 -20.78
C GLY A 8 -19.86 -12.51 -20.11
N SER A 9 -19.73 -11.82 -18.96
CA SER A 9 -20.82 -11.26 -18.18
C SER A 9 -20.20 -10.16 -17.32
N LYS A 10 -21.08 -9.31 -16.78
CA LYS A 10 -20.64 -8.13 -16.06
C LYS A 10 -21.25 -8.18 -14.66
N ARG A 11 -20.46 -7.79 -13.67
CA ARG A 11 -20.96 -7.57 -12.32
CA ARG A 11 -20.92 -7.62 -12.30
C ARG A 11 -19.99 -6.60 -11.65
N GLN A 12 -20.53 -5.65 -10.88
N GLN A 12 -20.55 -5.66 -10.89
CA GLN A 12 -19.71 -4.64 -10.26
CA GLN A 12 -19.74 -4.64 -10.24
C GLN A 12 -19.35 -5.14 -8.86
C GLN A 12 -19.35 -5.14 -8.86
N TYR A 13 -18.06 -5.06 -8.54
CA TYR A 13 -17.54 -5.50 -7.26
C TYR A 13 -16.87 -4.31 -6.57
N ALA A 14 -17.13 -4.17 -5.26
CA ALA A 14 -16.57 -3.10 -4.45
C ALA A 14 -15.09 -3.29 -4.12
N ASP A 15 -14.64 -4.53 -4.01
CA ASP A 15 -13.29 -4.87 -3.58
C ASP A 15 -13.05 -6.33 -3.90
N CYS A 16 -11.83 -6.80 -3.63
CA CYS A 16 -11.42 -8.15 -3.97
C CYS A 16 -12.07 -9.20 -3.06
N SER A 17 -12.62 -8.82 -1.90
CA SER A 17 -13.27 -9.78 -1.02
C SER A 17 -14.61 -10.20 -1.61
N GLU A 18 -15.29 -9.24 -2.27
CA GLU A 18 -16.55 -9.53 -2.92
C GLU A 18 -16.33 -10.42 -4.15
N ILE A 19 -15.22 -10.21 -4.85
CA ILE A 19 -14.86 -11.05 -5.99
C ILE A 19 -14.63 -12.48 -5.53
N PHE A 20 -13.82 -12.64 -4.48
CA PHE A 20 -13.50 -13.96 -3.97
C PHE A 20 -14.77 -14.69 -3.50
N ASN A 21 -15.65 -13.96 -2.81
CA ASN A 21 -16.86 -14.56 -2.25
C ASN A 21 -17.87 -14.84 -3.37
N ASP A 22 -17.64 -14.30 -4.56
CA ASP A 22 -18.50 -14.65 -5.67
C ASP A 22 -17.96 -15.86 -6.43
N GLY A 23 -16.84 -16.41 -5.96
CA GLY A 23 -16.35 -17.69 -6.46
C GLY A 23 -15.06 -17.58 -7.25
N TYR A 24 -14.48 -16.38 -7.39
CA TYR A 24 -13.24 -16.21 -8.12
C TYR A 24 -12.03 -16.31 -7.20
N LYS A 25 -11.27 -17.39 -7.34
CA LYS A 25 -10.22 -17.71 -6.40
C LYS A 25 -8.85 -17.51 -7.03
N LEU A 26 -8.79 -16.92 -8.22
CA LEU A 26 -7.52 -16.71 -8.91
C LEU A 26 -6.93 -15.36 -8.52
N SER A 27 -5.68 -15.35 -8.06
CA SER A 27 -4.96 -14.09 -7.93
C SER A 27 -4.70 -13.52 -9.32
N GLY A 28 -4.86 -12.20 -9.42
CA GLY A 28 -4.69 -11.47 -10.67
C GLY A 28 -5.23 -10.06 -10.57
N PHE A 29 -5.18 -9.37 -11.71
CA PHE A 29 -5.74 -8.03 -11.84
C PHE A 29 -7.21 -8.12 -12.23
N TYR A 30 -8.03 -7.42 -11.45
CA TYR A 30 -9.46 -7.28 -11.66
C TYR A 30 -9.82 -5.80 -11.59
N LYS A 31 -10.99 -5.46 -12.14
CA LYS A 31 -11.61 -4.16 -11.93
C LYS A 31 -12.51 -4.19 -10.68
N ILE A 32 -12.36 -3.15 -9.85
CA ILE A 32 -13.27 -2.88 -8.75
C ILE A 32 -13.82 -1.46 -8.85
N LYS A 33 -14.94 -1.27 -8.15
CA LYS A 33 -15.59 0.04 -8.12
CA LYS A 33 -15.58 0.04 -8.11
C LYS A 33 -16.17 0.26 -6.73
N PRO A 34 -15.38 0.82 -5.78
CA PRO A 34 -15.93 1.22 -4.49
C PRO A 34 -17.13 2.16 -4.63
N LEU A 35 -18.04 2.07 -3.66
CA LEU A 35 -19.30 2.79 -3.71
C LEU A 35 -19.17 4.24 -4.20
N GLN A 36 -18.22 4.99 -3.62
CA GLN A 36 -18.10 6.42 -3.87
C GLN A 36 -17.08 6.72 -4.96
N SER A 37 -16.50 5.68 -5.58
CA SER A 37 -15.54 5.90 -6.64
C SER A 37 -16.27 6.34 -7.91
N PRO A 38 -15.85 7.42 -8.62
CA PRO A 38 -16.47 7.79 -9.89
C PRO A 38 -16.22 6.80 -11.02
N ALA A 39 -15.21 5.94 -10.89
CA ALA A 39 -15.02 4.95 -11.93
C ALA A 39 -14.40 3.67 -11.37
N GLU A 40 -14.53 2.59 -12.15
CA GLU A 40 -13.85 1.36 -11.81
C GLU A 40 -12.36 1.55 -12.08
N PHE A 41 -11.51 0.78 -11.40
CA PHE A 41 -10.08 0.82 -11.65
C PHE A 41 -9.49 -0.56 -11.40
N SER A 42 -8.33 -0.83 -12.03
CA SER A 42 -7.62 -2.08 -11.85
C SER A 42 -6.94 -2.13 -10.48
N VAL A 43 -6.96 -3.35 -9.93
CA VAL A 43 -6.26 -3.70 -8.71
C VAL A 43 -5.82 -5.16 -8.80
N TYR A 44 -4.71 -5.45 -8.13
CA TYR A 44 -4.29 -6.83 -7.95
C TYR A 44 -5.07 -7.39 -6.76
N CYS A 45 -5.69 -8.54 -6.97
CA CYS A 45 -6.35 -9.30 -5.92
C CYS A 45 -5.46 -10.47 -5.52
N ASP A 46 -4.99 -10.48 -4.27
CA ASP A 46 -4.28 -11.61 -3.69
C ASP A 46 -5.32 -12.54 -3.06
N MET A 47 -5.58 -13.66 -3.74
CA MET A 47 -6.59 -14.60 -3.27
C MET A 47 -5.94 -15.74 -2.48
N SER A 48 -4.64 -15.63 -2.19
CA SER A 48 -4.01 -16.51 -1.23
C SER A 48 -4.27 -16.00 0.19
N ASP A 49 -3.72 -16.69 1.20
CA ASP A 49 -3.69 -16.12 2.54
C ASP A 49 -5.10 -15.95 3.10
N GLY A 50 -5.96 -16.93 2.80
CA GLY A 50 -7.34 -16.92 3.25
C GLY A 50 -8.32 -16.30 2.26
N GLY A 51 -7.83 -15.57 1.25
CA GLY A 51 -8.67 -15.08 0.16
C GLY A 51 -9.03 -13.61 0.28
N GLY A 52 -9.34 -12.99 -0.86
CA GLY A 52 -10.07 -11.74 -0.94
C GLY A 52 -9.28 -10.49 -0.54
N TRP A 53 -7.96 -10.47 -0.71
CA TRP A 53 -7.17 -9.31 -0.36
C TRP A 53 -7.03 -8.36 -1.54
N THR A 54 -7.27 -7.07 -1.29
CA THR A 54 -7.10 -6.03 -2.29
C THR A 54 -5.74 -5.38 -2.08
N VAL A 55 -4.81 -5.53 -3.04
CA VAL A 55 -3.47 -5.02 -2.87
C VAL A 55 -3.48 -3.51 -3.15
N ILE A 56 -2.96 -2.73 -2.20
CA ILE A 56 -2.96 -1.27 -2.32
C ILE A 56 -1.58 -0.74 -2.69
N GLN A 57 -0.56 -1.56 -2.42
CA GLN A 57 0.82 -1.16 -2.69
C GLN A 57 1.66 -2.43 -2.81
N ARG A 58 2.62 -2.36 -3.72
CA ARG A 58 3.56 -3.47 -3.87
C ARG A 58 4.91 -2.95 -4.31
N ARG A 59 5.93 -3.59 -3.72
CA ARG A 59 7.32 -3.38 -4.07
C ARG A 59 7.94 -4.75 -4.32
N SER A 60 8.89 -4.86 -5.26
CA SER A 60 9.41 -6.17 -5.62
C SER A 60 10.83 -6.16 -6.17
N ASP A 61 11.14 -5.16 -7.00
CA ASP A 61 12.37 -5.19 -7.78
C ASP A 61 12.96 -3.82 -8.05
N GLY A 62 12.34 -2.73 -7.57
CA GLY A 62 12.93 -1.42 -7.77
C GLY A 62 12.63 -0.81 -9.13
N SER A 63 11.68 -1.36 -9.91
CA SER A 63 11.41 -0.91 -11.26
CA SER A 63 11.42 -0.90 -11.26
C SER A 63 10.76 0.47 -11.28
N GLU A 64 9.89 0.77 -10.31
CA GLU A 64 9.11 1.99 -10.40
C GLU A 64 9.71 3.10 -9.55
N ASN A 65 9.44 4.35 -9.94
CA ASN A 65 9.90 5.55 -9.25
C ASN A 65 8.83 5.96 -8.24
N PHE A 66 9.16 5.95 -6.95
CA PHE A 66 8.22 6.35 -5.93
C PHE A 66 8.47 7.78 -5.47
N ASN A 67 9.39 8.49 -6.14
CA ASN A 67 9.69 9.88 -5.85
C ASN A 67 8.72 10.76 -6.62
N ARG A 68 7.45 10.66 -6.23
CA ARG A 68 6.36 11.25 -6.97
C ARG A 68 5.67 12.31 -6.11
N GLY A 69 5.02 13.27 -6.77
CA GLY A 69 4.34 14.34 -6.06
C GLY A 69 2.92 13.95 -5.66
N TRP A 70 2.26 14.95 -5.07
CA TRP A 70 0.95 14.80 -4.45
C TRP A 70 -0.06 14.25 -5.46
N LYS A 71 -0.05 14.80 -6.68
CA LYS A 71 -1.00 14.39 -7.69
C LYS A 71 -0.91 12.89 -8.00
N ASP A 72 0.30 12.39 -8.29
CA ASP A 72 0.50 10.99 -8.59
C ASP A 72 0.14 10.09 -7.39
N TYR A 73 0.46 10.54 -6.17
CA TYR A 73 0.07 9.73 -5.02
C TYR A 73 -1.43 9.74 -4.79
N GLU A 74 -2.10 10.79 -5.27
CA GLU A 74 -3.55 10.90 -5.16
C GLU A 74 -4.23 9.98 -6.18
N ASN A 75 -3.72 9.97 -7.41
CA ASN A 75 -4.35 9.26 -8.50
C ASN A 75 -3.91 7.80 -8.60
N GLY A 76 -2.70 7.46 -8.11
CA GLY A 76 -2.17 6.12 -8.27
C GLY A 76 -1.17 6.13 -9.42
N PHE A 77 -0.20 5.21 -9.34
CA PHE A 77 0.78 5.13 -10.41
C PHE A 77 1.45 3.75 -10.34
N GLY A 78 2.16 3.41 -11.42
CA GLY A 78 2.94 2.18 -11.41
C GLY A 78 2.36 1.15 -12.39
N ASN A 79 2.60 -0.11 -12.03
CA ASN A 79 2.48 -1.21 -12.98
C ASN A 79 1.25 -2.04 -12.64
N PHE A 80 0.24 -1.97 -13.52
CA PHE A 80 -0.99 -2.72 -13.30
C PHE A 80 -1.14 -3.77 -14.40
N VAL A 81 -0.01 -4.24 -14.94
CA VAL A 81 0.06 -5.18 -16.05
C VAL A 81 0.81 -6.46 -15.65
N GLN A 82 1.86 -6.36 -14.83
CA GLN A 82 2.66 -7.52 -14.47
C GLN A 82 2.40 -7.96 -13.04
N LYS A 83 2.24 -9.28 -12.88
N LYS A 83 2.26 -9.27 -12.83
CA LYS A 83 1.94 -9.94 -11.62
CA LYS A 83 1.84 -9.78 -11.53
C LYS A 83 2.83 -9.48 -10.47
C LYS A 83 2.84 -9.46 -10.42
N HIS A 84 4.13 -9.38 -10.74
CA HIS A 84 5.13 -9.11 -9.71
C HIS A 84 5.64 -7.67 -9.79
N GLY A 85 4.86 -6.78 -10.41
CA GLY A 85 5.35 -5.41 -10.58
C GLY A 85 5.04 -4.57 -9.35
N GLU A 86 5.29 -3.27 -9.46
CA GLU A 86 5.15 -2.36 -8.33
C GLU A 86 4.10 -1.29 -8.63
N TYR A 87 3.35 -0.92 -7.59
CA TYR A 87 2.40 0.18 -7.76
C TYR A 87 2.03 0.79 -6.42
N TRP A 88 1.37 1.94 -6.59
CA TRP A 88 0.62 2.63 -5.56
C TRP A 88 -0.81 2.84 -6.04
N LEU A 89 -1.80 2.37 -5.26
CA LEU A 89 -3.17 2.36 -5.74
C LEU A 89 -3.75 3.76 -5.91
N GLY A 90 -3.32 4.70 -5.07
CA GLY A 90 -3.78 6.08 -5.17
C GLY A 90 -4.61 6.43 -3.95
N ASN A 91 -4.25 7.55 -3.31
CA ASN A 91 -4.90 7.94 -2.07
C ASN A 91 -6.40 8.14 -2.22
N LYS A 92 -6.87 8.70 -3.34
CA LYS A 92 -8.30 8.89 -3.52
C LYS A 92 -9.02 7.54 -3.48
N ASN A 93 -8.39 6.53 -4.07
CA ASN A 93 -8.93 5.18 -4.11
C ASN A 93 -8.88 4.51 -2.75
N LEU A 94 -7.83 4.80 -1.96
CA LEU A 94 -7.75 4.31 -0.59
C LEU A 94 -8.90 4.87 0.24
N HIS A 95 -9.18 6.16 0.07
CA HIS A 95 -10.26 6.80 0.79
C HIS A 95 -11.61 6.19 0.43
N PHE A 96 -11.86 6.03 -0.88
CA PHE A 96 -13.12 5.48 -1.32
C PHE A 96 -13.28 4.05 -0.80
N LEU A 97 -12.18 3.28 -0.79
CA LEU A 97 -12.20 1.94 -0.26
C LEU A 97 -12.48 1.92 1.25
N THR A 98 -11.66 2.65 2.01
CA THR A 98 -11.65 2.43 3.44
C THR A 98 -12.82 3.12 4.14
N THR A 99 -13.58 3.96 3.44
CA THR A 99 -14.80 4.51 4.03
C THR A 99 -16.03 3.64 3.75
N GLN A 100 -15.99 2.63 2.88
CA GLN A 100 -17.20 1.90 2.52
C GLN A 100 -17.40 0.72 3.47
N GLU A 101 -16.36 0.36 4.24
CA GLU A 101 -16.41 -0.78 5.13
C GLU A 101 -15.20 -0.60 6.05
N ASP A 102 -15.12 -1.37 7.14
CA ASP A 102 -13.98 -1.31 8.03
C ASP A 102 -13.03 -2.43 7.62
N TYR A 103 -11.84 -2.02 7.17
CA TYR A 103 -10.82 -2.93 6.68
C TYR A 103 -9.68 -3.14 7.66
N THR A 104 -9.13 -4.35 7.55
CA THR A 104 -7.83 -4.73 8.10
C THR A 104 -6.78 -4.51 7.01
N LEU A 105 -5.67 -3.90 7.42
CA LEU A 105 -4.46 -3.77 6.62
C LEU A 105 -3.51 -4.89 7.05
N LYS A 106 -3.04 -5.66 6.05
CA LYS A 106 -1.95 -6.60 6.23
CA LYS A 106 -1.94 -6.59 6.24
C LYS A 106 -0.78 -6.18 5.34
N ILE A 107 0.43 -6.26 5.90
CA ILE A 107 1.67 -5.88 5.23
C ILE A 107 2.59 -7.09 5.26
N ASP A 108 2.84 -7.63 4.07
CA ASP A 108 3.69 -8.81 3.90
C ASP A 108 5.08 -8.31 3.52
N LEU A 109 6.10 -8.66 4.31
CA LEU A 109 7.43 -8.10 4.11
C LEU A 109 8.44 -9.22 3.89
N ALA A 110 9.39 -9.01 2.98
CA ALA A 110 10.52 -9.92 2.87
C ALA A 110 11.85 -9.18 2.74
N ASP A 111 12.89 -9.83 3.27
CA ASP A 111 14.23 -9.27 3.23
C ASP A 111 15.04 -9.97 2.15
N PHE A 112 16.33 -9.66 2.06
CA PHE A 112 17.18 -10.28 1.05
C PHE A 112 17.78 -11.60 1.51
N GLU A 113 17.40 -12.12 2.68
CA GLU A 113 17.94 -13.36 3.23
C GLU A 113 16.83 -14.41 3.34
N LYS A 114 15.80 -14.25 2.49
CA LYS A 114 14.72 -15.21 2.35
C LYS A 114 13.96 -15.28 3.67
N ASN A 115 13.98 -14.22 4.48
CA ASN A 115 13.13 -14.18 5.64
C ASN A 115 11.87 -13.39 5.29
N SER A 116 10.76 -13.72 5.98
CA SER A 116 9.57 -12.91 5.84
C SER A 116 8.95 -12.61 7.20
N ARG A 117 8.21 -11.50 7.25
CA ARG A 117 7.45 -11.13 8.43
C ARG A 117 6.15 -10.48 7.95
N TYR A 118 5.23 -10.20 8.89
CA TYR A 118 4.06 -9.41 8.54
C TYR A 118 3.64 -8.54 9.72
N ALA A 119 2.93 -7.47 9.37
CA ALA A 119 2.27 -6.58 10.33
C ALA A 119 0.82 -6.49 9.89
N GLN A 120 -0.11 -6.47 10.85
CA GLN A 120 -1.53 -6.38 10.57
C GLN A 120 -2.15 -5.36 11.52
N TYR A 121 -2.98 -4.49 10.94
CA TYR A 121 -3.71 -3.46 11.68
C TYR A 121 -5.19 -3.52 11.37
N LYS A 122 -5.99 -3.72 12.42
CA LYS A 122 -7.44 -3.63 12.29
CA LYS A 122 -7.45 -3.63 12.30
C LYS A 122 -7.83 -2.17 12.08
N ASN A 123 -8.94 -1.91 11.39
CA ASN A 123 -9.43 -0.56 11.18
C ASN A 123 -8.40 0.41 10.61
N PHE A 124 -7.93 0.08 9.40
CA PHE A 124 -7.15 1.01 8.61
C PHE A 124 -8.09 1.93 7.83
N LYS A 125 -7.87 3.24 7.93
CA LYS A 125 -8.74 4.15 7.22
C LYS A 125 -7.92 5.35 6.75
N VAL A 126 -8.26 5.78 5.54
CA VAL A 126 -7.58 6.92 4.93
C VAL A 126 -8.63 8.00 4.71
N GLY A 127 -8.34 9.18 5.26
CA GLY A 127 -9.17 10.37 5.18
C GLY A 127 -9.23 10.99 3.78
N ASP A 128 -10.02 12.06 3.61
CA ASP A 128 -10.19 12.65 2.30
C ASP A 128 -9.09 13.65 1.97
N GLU A 129 -9.16 14.18 0.75
CA GLU A 129 -8.07 14.99 0.21
C GLU A 129 -7.95 16.30 0.99
N LYS A 130 -9.09 16.86 1.41
CA LYS A 130 -9.08 18.09 2.17
C LYS A 130 -8.33 17.84 3.48
N ASN A 131 -8.38 16.61 4.00
CA ASN A 131 -7.70 16.31 5.25
C ASN A 131 -6.34 15.63 5.05
N PHE A 132 -5.72 15.83 3.88
CA PHE A 132 -4.39 15.34 3.58
C PHE A 132 -4.26 13.83 3.72
N TYR A 133 -5.35 13.13 3.40
CA TYR A 133 -5.41 11.68 3.29
C TYR A 133 -4.94 11.05 4.61
N GLU A 134 -5.37 11.64 5.72
CA GLU A 134 -4.77 11.30 6.99
C GLU A 134 -5.06 9.83 7.33
N LEU A 135 -4.09 9.19 7.98
CA LEU A 135 -4.15 7.77 8.31
C LEU A 135 -4.76 7.59 9.70
N ASN A 136 -5.69 6.65 9.80
CA ASN A 136 -6.12 6.10 11.08
C ASN A 136 -5.79 4.62 11.05
N ILE A 137 -5.11 4.10 12.08
CA ILE A 137 -4.87 2.67 12.20
C ILE A 137 -5.19 2.21 13.61
N GLY A 138 -5.86 1.05 13.72
CA GLY A 138 -6.21 0.38 14.96
C GLY A 138 -5.19 -0.65 15.44
N GLU A 139 -5.64 -1.69 16.13
CA GLU A 139 -4.83 -2.70 16.79
CA GLU A 139 -4.81 -2.69 16.79
C GLU A 139 -3.85 -3.43 15.87
N TYR A 140 -2.57 -3.40 16.28
CA TYR A 140 -1.48 -4.12 15.66
C TYR A 140 -1.39 -5.56 16.14
N SER A 141 -1.08 -6.48 15.22
CA SER A 141 -0.61 -7.81 15.57
C SER A 141 0.36 -8.24 14.47
N GLY A 142 1.20 -9.24 14.77
CA GLY A 142 2.06 -9.83 13.76
C GLY A 142 3.48 -10.07 14.26
N THR A 143 4.41 -10.27 13.32
CA THR A 143 5.79 -10.61 13.59
C THR A 143 6.77 -9.51 13.22
N ALA A 144 6.37 -8.55 12.38
CA ALA A 144 7.31 -7.54 11.89
C ALA A 144 7.56 -6.43 12.90
N GLY A 145 6.69 -6.29 13.91
CA GLY A 145 6.70 -5.15 14.82
C GLY A 145 5.90 -3.99 14.26
N ASP A 146 5.41 -3.14 15.18
CA ASP A 146 4.58 -2.00 14.84
C ASP A 146 5.45 -0.80 14.49
N SER A 147 5.79 -0.65 13.21
CA SER A 147 6.58 0.49 12.77
C SER A 147 5.71 1.62 12.20
N LEU A 148 4.43 1.35 11.94
CA LEU A 148 3.60 2.31 11.23
C LEU A 148 3.07 3.40 12.16
N ALA A 149 2.69 3.04 13.39
CA ALA A 149 1.94 3.88 14.30
C ALA A 149 2.67 5.19 14.64
N GLY A 150 1.90 6.28 14.77
CA GLY A 150 2.42 7.60 15.07
C GLY A 150 2.85 7.75 16.52
N ASN A 151 2.56 6.72 17.32
CA ASN A 151 3.00 6.64 18.71
C ASN A 151 4.42 6.09 18.80
N PHE A 152 4.95 5.58 17.68
CA PHE A 152 6.23 4.90 17.66
C PHE A 152 7.27 5.78 18.37
N GLN A 163 -2.93 11.70 17.35
CA GLN A 163 -3.23 12.58 16.19
C GLN A 163 -3.01 11.80 14.89
N ARG A 164 -3.99 11.82 13.99
CA ARG A 164 -3.85 11.13 12.72
C ARG A 164 -2.67 11.71 11.95
N MET A 165 -1.95 10.82 11.26
CA MET A 165 -0.78 11.22 10.49
C MET A 165 -1.24 11.66 9.11
N LYS A 166 -0.89 12.89 8.72
CA LYS A 166 -1.12 13.33 7.36
C LYS A 166 -0.15 12.64 6.43
N PHE A 167 -0.64 12.42 5.20
CA PHE A 167 0.23 12.00 4.10
C PHE A 167 1.03 13.23 3.68
N SER A 168 2.31 12.99 3.34
CA SER A 168 3.14 14.04 2.76
C SER A 168 3.86 13.51 1.52
N THR A 169 4.13 14.46 0.61
CA THR A 169 4.96 14.25 -0.57
C THR A 169 5.96 15.40 -0.63
N TRP A 170 6.92 15.30 -1.57
CA TRP A 170 7.97 16.30 -1.70
C TRP A 170 7.37 17.69 -1.89
N ASP A 171 6.25 17.78 -2.60
CA ASP A 171 5.59 19.01 -2.99
C ASP A 171 4.34 19.30 -2.15
N ARG A 172 4.16 18.57 -1.04
N ARG A 172 4.16 18.57 -1.04
CA ARG A 172 3.08 18.86 -0.12
CA ARG A 172 3.08 18.86 -0.12
C ARG A 172 3.54 18.42 1.26
C ARG A 172 3.54 18.42 1.26
N ASP A 173 4.33 19.27 1.91
CA ASP A 173 5.03 18.84 3.11
C ASP A 173 5.05 19.95 4.16
N HIS A 174 4.29 19.75 5.24
CA HIS A 174 4.10 20.72 6.31
C HIS A 174 3.59 22.05 5.76
N ASP A 175 2.54 21.99 4.93
CA ASP A 175 1.87 23.17 4.41
C ASP A 175 2.76 23.99 3.47
N ASN A 176 3.87 23.42 3.01
CA ASN A 176 4.65 24.00 1.92
C ASN A 176 4.28 23.26 0.65
N TYR A 177 3.87 24.01 -0.39
CA TYR A 177 3.39 23.46 -1.65
C TYR A 177 4.44 23.54 -2.76
N GLU A 178 5.63 24.07 -2.50
CA GLU A 178 6.60 24.32 -3.60
C GLU A 178 7.72 23.27 -3.66
N GLY A 179 8.05 22.62 -2.55
CA GLY A 179 9.05 21.56 -2.53
C GLY A 179 10.47 22.04 -2.27
N ASN A 180 10.68 23.21 -1.65
CA ASN A 180 12.00 23.83 -1.58
CA ASN A 180 12.00 23.82 -1.59
C ASN A 180 12.87 23.22 -0.49
N CYS A 181 12.26 22.53 0.47
CA CYS A 181 12.98 21.89 1.57
C CYS A 181 12.85 20.37 1.47
N ALA A 182 12.47 19.84 0.29
CA ALA A 182 12.35 18.42 0.06
C ALA A 182 13.73 17.75 0.07
N GLU A 183 13.78 16.50 0.52
CA GLU A 183 14.96 15.67 0.42
C GLU A 183 15.00 15.00 -0.95
N GLU A 184 16.21 14.61 -1.37
CA GLU A 184 16.37 13.81 -2.58
C GLU A 184 15.63 12.49 -2.41
N ASP A 185 14.88 12.10 -3.44
CA ASP A 185 14.17 10.83 -3.48
C ASP A 185 13.11 10.72 -2.37
N GLN A 186 12.60 11.86 -1.91
CA GLN A 186 11.55 11.88 -0.91
C GLN A 186 10.30 11.20 -1.44
N SER A 187 9.78 10.28 -0.62
CA SER A 187 8.63 9.45 -0.94
C SER A 187 7.35 10.07 -0.41
N GLY A 188 6.23 9.46 -0.81
CA GLY A 188 4.93 9.74 -0.25
C GLY A 188 4.66 8.73 0.87
N TRP A 189 4.34 9.26 2.06
CA TRP A 189 4.03 8.39 3.18
C TRP A 189 3.32 9.18 4.28
N TRP A 190 2.78 8.44 5.24
CA TRP A 190 2.30 8.97 6.50
C TRP A 190 3.40 8.83 7.54
N PHE A 191 4.30 9.82 7.56
CA PHE A 191 5.49 9.72 8.38
C PHE A 191 5.16 9.99 9.84
N ASN A 192 5.72 9.19 10.75
CA ASN A 192 5.78 9.50 12.15
C ASN A 192 7.08 10.23 12.50
N ARG A 193 7.24 10.61 13.77
CA ARG A 193 8.37 11.43 14.18
C ARG A 193 9.68 10.68 13.93
N CYS A 194 9.71 9.39 14.29
CA CYS A 194 10.92 8.58 14.14
C CYS A 194 11.18 8.13 12.70
N HIS A 195 10.28 8.42 11.76
CA HIS A 195 10.33 7.87 10.42
C HIS A 195 10.64 6.38 10.50
N SER A 196 9.86 5.64 11.30
CA SER A 196 10.17 4.25 11.53
C SER A 196 9.66 3.34 10.41
N ALA A 197 8.82 3.85 9.51
CA ALA A 197 8.35 3.12 8.34
C ALA A 197 8.37 4.03 7.11
N ASN A 198 8.73 3.45 5.95
CA ASN A 198 8.58 4.11 4.67
C ASN A 198 8.64 3.04 3.59
N LEU A 199 7.50 2.39 3.34
CA LEU A 199 7.52 1.30 2.38
C LEU A 199 7.54 1.80 0.94
N ASN A 200 7.38 3.11 0.78
CA ASN A 200 7.49 3.80 -0.50
C ASN A 200 8.88 4.38 -0.73
N GLY A 201 9.89 3.94 0.02
CA GLY A 201 11.22 4.49 -0.06
C GLY A 201 12.00 3.94 -1.25
N VAL A 202 13.25 4.37 -1.35
CA VAL A 202 14.16 3.99 -2.42
C VAL A 202 14.53 2.52 -2.30
N TYR A 203 14.48 1.80 -3.43
CA TYR A 203 14.81 0.39 -3.48
C TYR A 203 16.32 0.17 -3.45
N TYR A 204 16.91 0.06 -2.26
CA TYR A 204 18.28 -0.39 -2.13
C TYR A 204 18.32 -1.90 -1.96
N SER A 205 19.53 -2.49 -1.96
CA SER A 205 19.68 -3.93 -1.86
CA SER A 205 19.67 -3.93 -1.86
C SER A 205 20.05 -4.33 -0.44
N GLY A 206 19.09 -4.16 0.49
CA GLY A 206 19.34 -4.62 1.85
C GLY A 206 20.08 -3.52 2.62
N PRO A 207 21.23 -3.84 3.25
CA PRO A 207 22.02 -2.81 3.92
C PRO A 207 22.46 -1.71 2.96
N TYR A 208 22.37 -0.46 3.42
CA TYR A 208 22.66 0.63 2.52
C TYR A 208 23.17 1.83 3.32
N THR A 209 23.75 2.77 2.57
CA THR A 209 24.15 4.06 3.10
C THR A 209 23.82 5.11 2.05
N ALA A 210 23.41 6.28 2.56
CA ALA A 210 23.06 7.42 1.72
C ALA A 210 23.05 8.64 2.64
N LYS A 211 22.80 9.82 2.08
CA LYS A 211 22.71 11.04 2.86
C LYS A 211 21.67 10.90 3.97
N THR A 212 20.51 10.32 3.65
CA THR A 212 19.41 10.12 4.58
CA THR A 212 19.43 10.12 4.60
C THR A 212 18.90 8.69 4.49
N ASP A 213 18.22 8.22 5.54
CA ASP A 213 17.72 6.86 5.64
C ASP A 213 16.43 6.75 4.83
N ASN A 214 16.51 6.86 3.51
CA ASN A 214 15.33 7.05 2.68
C ASN A 214 14.92 5.79 1.92
N GLY A 215 15.36 4.61 2.37
CA GLY A 215 15.03 3.35 1.72
C GLY A 215 13.69 2.76 2.19
N ILE A 216 13.49 1.49 1.84
CA ILE A 216 12.27 0.77 2.14
C ILE A 216 12.41 0.22 3.55
N VAL A 217 12.01 1.07 4.51
CA VAL A 217 12.36 0.88 5.91
C VAL A 217 11.17 0.42 6.73
N TRP A 218 11.45 -0.59 7.57
CA TRP A 218 10.53 -1.03 8.60
C TRP A 218 11.35 -1.27 9.86
N TYR A 219 11.45 -0.21 10.66
CA TYR A 219 12.49 -0.12 11.67
C TYR A 219 12.43 -1.30 12.62
N THR A 220 11.22 -1.68 13.05
CA THR A 220 11.14 -2.72 14.06
C THR A 220 11.66 -4.07 13.58
N TRP A 221 11.84 -4.27 12.27
CA TRP A 221 12.39 -5.54 11.82
C TRP A 221 13.89 -5.40 11.59
N HIS A 222 14.30 -4.59 10.62
CA HIS A 222 15.71 -4.45 10.26
C HIS A 222 16.27 -3.05 10.46
N GLY A 223 15.64 -2.14 11.21
CA GLY A 223 16.28 -0.87 11.51
C GLY A 223 16.19 0.13 10.37
N TRP A 224 16.94 1.23 10.43
CA TRP A 224 16.75 2.33 9.50
C TRP A 224 17.57 2.20 8.21
N TRP A 225 18.65 1.41 8.29
CA TRP A 225 19.64 1.37 7.22
C TRP A 225 19.66 0.02 6.51
N TYR A 226 18.52 -0.67 6.52
CA TYR A 226 18.28 -1.89 5.76
C TYR A 226 17.02 -1.67 4.93
N SER A 227 17.10 -1.87 3.61
CA SER A 227 16.02 -1.69 2.67
C SER A 227 15.48 -3.05 2.25
N LEU A 228 14.16 -3.25 2.39
CA LEU A 228 13.52 -4.54 2.26
C LEU A 228 13.41 -4.93 0.79
N LYS A 229 13.24 -6.23 0.54
CA LYS A 229 13.26 -6.79 -0.80
CA LYS A 229 13.26 -6.79 -0.80
C LYS A 229 11.87 -6.73 -1.44
N SER A 230 10.86 -7.06 -0.65
CA SER A 230 9.48 -7.22 -1.12
CA SER A 230 9.50 -7.09 -1.18
CA SER A 230 9.48 -7.18 -1.14
C SER A 230 8.51 -6.65 -0.10
N VAL A 231 7.48 -5.96 -0.58
CA VAL A 231 6.37 -5.46 0.22
C VAL A 231 5.08 -5.75 -0.53
N VAL A 232 4.08 -6.28 0.18
CA VAL A 232 2.70 -6.17 -0.26
C VAL A 232 1.85 -5.58 0.86
N MET A 233 1.21 -4.44 0.59
CA MET A 233 0.23 -3.85 1.49
C MET A 233 -1.12 -4.22 0.91
N LYS A 234 -2.00 -4.84 1.71
CA LYS A 234 -3.27 -5.30 1.18
C LYS A 234 -4.34 -5.18 2.26
N ILE A 235 -5.59 -5.07 1.82
CA ILE A 235 -6.70 -4.88 2.74
C ILE A 235 -7.84 -5.87 2.48
N ARG A 236 -8.56 -6.17 3.57
CA ARG A 236 -9.77 -6.98 3.50
C ARG A 236 -10.67 -6.57 4.66
N PRO A 237 -12.01 -6.64 4.54
CA PRO A 237 -12.88 -6.25 5.65
C PRO A 237 -12.59 -7.01 6.94
N ASN A 238 -12.63 -6.31 8.07
CA ASN A 238 -12.40 -6.89 9.38
C ASN A 238 -13.21 -8.19 9.53
N ASP A 239 -14.46 -8.17 9.06
CA ASP A 239 -15.41 -9.24 9.30
C ASP A 239 -15.57 -10.14 8.08
N PHE A 240 -14.56 -10.16 7.21
CA PHE A 240 -14.58 -11.03 6.04
C PHE A 240 -14.72 -12.49 6.46
N ILE A 241 -15.68 -13.17 5.83
CA ILE A 241 -15.90 -14.60 5.99
C ILE A 241 -15.68 -15.19 4.61
N PRO A 242 -14.67 -16.06 4.40
CA PRO A 242 -14.49 -16.71 3.11
C PRO A 242 -15.64 -17.64 2.75
N ASN A 243 -16.17 -17.47 1.53
CA ASN A 243 -17.13 -18.41 0.98
C ASN A 243 -16.42 -19.74 0.70
N VAL A 244 -16.98 -20.82 1.24
CA VAL A 244 -16.42 -22.16 1.18
C VAL A 244 -14.88 -22.05 1.35
C1 EDO B . 5.95 13.48 -10.46
O1 EDO B . 5.05 12.70 -9.69
C2 EDO B . 6.84 14.31 -9.62
O2 EDO B . 6.15 15.24 -8.80
C1 EDO C . -9.25 -9.48 8.08
O1 EDO C . -10.19 -9.97 7.14
C2 EDO C . -9.03 -10.43 9.20
O2 EDO C . -7.97 -11.34 8.90
C1 EDO D . -8.53 -6.22 -16.09
O1 EDO D . -8.87 -5.15 -16.96
C2 EDO D . -7.98 -5.75 -14.80
O2 EDO D . -6.91 -4.82 -14.91
C1 EDO E . -5.51 2.13 -9.94
O1 EDO E . -5.82 1.28 -11.03
C2 EDO E . -5.17 3.51 -10.33
O2 EDO E . -6.19 4.08 -11.13
C1 EDO F . -11.63 12.40 -3.50
O1 EDO F . -11.43 13.71 -3.96
C2 EDO F . -10.83 11.96 -2.33
O2 EDO F . -11.13 12.77 -1.21
#